data_4XEA
#
_entry.id   4XEA
#
_cell.length_a   127.201
_cell.length_b   127.201
_cell.length_c   65.991
_cell.angle_alpha   90.000
_cell.angle_beta   90.000
_cell.angle_gamma   90.000
#
_symmetry.space_group_name_H-M   'P 43 21 2'
#
loop_
_entity.id
_entity.type
_entity.pdbx_description
1 polymer 'Peptidase M16 domain protein'
2 non-polymer 'SODIUM ION'
3 non-polymer 'NICKEL (II) ION'
4 non-polymer 'ACETATE ION'
5 non-polymer GLYCEROL
6 water water
#
_entity_poly.entity_id   1
_entity_poly.type   'polypeptide(L)'
_entity_poly.pdbx_seq_one_letter_code
;VSLELPFETRTWRLQNGLVVTL(MSE)PRPALHQTYA(MSE)FATRYGSVDRAFRTDGQVHE(MSE)PDGIAHFLEHK
(MSE)FEDPE(MSE)DVFARFAAHGASVDAYTTFDHTAYYFSGTGEIAKHVGTLLDFVQSIHLTDENVEKEKGIIAQEIH
(MSE)VNDHPDRRAY(MSE)ELLRA(MSE)YHEHPVRIDIAGTVESVRAITKEQLLLCYDTFYHPSN(MSE)VLVIAGGF
DADEIAHVIEENQAKKSFKEPPAIERLYPEEPPTPARSRHW(MSE)HFPVQQPRLLVGWKEANGAFGSNLIEQDTA
(MSE)TILLDALFGPTSAFYQSLLDEGLVDKGFSANYQLSNTFGYTLVGGNAPHPDVLAERIQSHLARVRERGIDEEAFE
RARKKI(MSE)GRVL(MSE)SLDQNAFLVRNWVTYFLRGAEAFAFADVIAVLQT(MSE)TLERANARFQEHLREDN
(MSE)VVSAVLPS
;
_entity_poly.pdbx_strand_id   A
#
# COMPACT_ATOMS: atom_id res chain seq x y z
N VAL A 1 -26.09 11.44 8.41
CA VAL A 1 -25.97 10.52 9.58
C VAL A 1 -24.58 9.85 9.59
N SER A 2 -24.02 9.67 10.79
CA SER A 2 -22.75 8.92 10.96
C SER A 2 -22.92 7.48 10.44
N LEU A 3 -21.87 6.90 9.87
CA LEU A 3 -21.98 5.56 9.26
C LEU A 3 -22.26 4.50 10.31
N GLU A 4 -23.33 3.73 10.09
CA GLU A 4 -23.62 2.55 10.89
C GLU A 4 -23.43 1.31 10.04
N LEU A 5 -22.42 0.52 10.36
CA LEU A 5 -22.23 -0.74 9.65
C LEU A 5 -23.23 -1.78 10.14
N PRO A 6 -23.67 -2.69 9.25
CA PRO A 6 -24.64 -3.72 9.64
C PRO A 6 -24.13 -4.80 10.59
N PHE A 7 -22.81 -4.88 10.76
CA PHE A 7 -22.16 -5.91 11.55
C PHE A 7 -21.40 -5.30 12.73
N GLU A 8 -21.02 -6.14 13.68
CA GLU A 8 -20.22 -5.72 14.83
C GLU A 8 -18.79 -5.49 14.36
N THR A 9 -18.15 -4.48 14.94
CA THR A 9 -16.70 -4.35 14.89
C THR A 9 -16.13 -4.41 16.31
N ARG A 10 -15.34 -5.46 16.57
CA ARG A 10 -14.75 -5.73 17.88
C ARG A 10 -13.23 -5.55 17.79
N THR A 11 -12.76 -4.47 18.41
CA THR A 11 -11.37 -4.06 18.39
C THR A 11 -10.81 -4.01 19.84
N TRP A 12 -9.73 -4.75 20.10
CA TRP A 12 -9.06 -4.73 21.38
C TRP A 12 -7.56 -5.00 21.18
N ARG A 13 -6.80 -4.87 22.28
CA ARG A 13 -5.35 -5.03 22.25
C ARG A 13 -4.92 -6.10 23.26
N LEU A 14 -4.11 -7.06 22.81
CA LEU A 14 -3.70 -8.16 23.69
C LEU A 14 -2.61 -7.73 24.64
N GLN A 15 -2.32 -8.59 25.61
CA GLN A 15 -1.27 -8.34 26.57
C GLN A 15 0.05 -8.07 25.86
N ASN A 16 0.31 -8.73 24.72
CA ASN A 16 1.62 -8.60 24.04
C ASN A 16 1.69 -7.39 23.09
N GLY A 17 0.63 -6.61 23.06
CA GLY A 17 0.60 -5.38 22.26
C GLY A 17 -0.10 -5.51 20.92
N LEU A 18 -0.48 -6.71 20.51
CA LEU A 18 -1.16 -6.89 19.23
C LEU A 18 -2.57 -6.32 19.25
N VAL A 19 -2.89 -5.51 18.24
CA VAL A 19 -4.26 -5.00 18.07
C VAL A 19 -5.00 -5.98 17.16
N VAL A 20 -6.22 -6.35 17.56
CA VAL A 20 -7.06 -7.26 16.83
C VAL A 20 -8.37 -6.55 16.54
N THR A 21 -8.86 -6.69 15.31
CA THR A 21 -10.19 -6.21 14.93
C THR A 21 -10.94 -7.32 14.22
N LEU A 22 -12.09 -7.73 14.78
CA LEU A 22 -12.91 -8.76 14.19
C LEU A 22 -14.22 -8.13 13.70
N PRO A 24 -17.43 -9.89 12.40
CA PRO A 24 -18.24 -11.05 12.04
C PRO A 24 -19.45 -10.67 11.17
N ARG A 25 -19.67 -11.42 10.08
CA ARG A 25 -20.78 -11.18 9.14
C ARG A 25 -21.36 -12.56 8.87
N PRO A 26 -22.36 -12.97 9.67
CA PRO A 26 -22.78 -14.38 9.71
C PRO A 26 -23.42 -14.91 8.43
N ALA A 27 -23.92 -14.00 7.60
CA ALA A 27 -24.57 -14.39 6.34
C ALA A 27 -23.58 -14.85 5.25
N LEU A 28 -22.28 -14.67 5.49
CA LEU A 28 -21.27 -14.95 4.47
C LEU A 28 -20.55 -16.28 4.67
N HIS A 29 -20.17 -16.92 3.55
CA HIS A 29 -19.42 -18.17 3.56
C HIS A 29 -17.93 -17.92 3.77
N GLN A 30 -17.42 -16.80 3.25
CA GLN A 30 -16.00 -16.50 3.32
C GLN A 30 -15.60 -15.78 4.59
N THR A 31 -14.48 -16.18 5.16
CA THR A 31 -13.75 -15.38 6.17
C THR A 31 -12.43 -14.97 5.51
N TYR A 32 -12.05 -13.70 5.69
CA TYR A 32 -10.83 -13.15 5.12
C TYR A 32 -10.06 -12.56 6.31
N ALA A 33 -8.81 -12.96 6.44
CA ALA A 33 -8.01 -12.61 7.62
C ALA A 33 -6.66 -12.07 7.16
N PHE A 35 -2.81 -10.57 8.79
CA PHE A 35 -1.86 -10.29 9.85
C PHE A 35 -0.72 -9.48 9.20
N ALA A 36 -0.55 -8.22 9.60
CA ALA A 36 0.42 -7.32 8.94
C ALA A 36 1.32 -6.65 9.89
N THR A 37 2.51 -6.30 9.39
CA THR A 37 3.52 -5.59 10.20
C THR A 37 3.80 -4.22 9.62
N ARG A 38 3.97 -3.23 10.52
CA ARG A 38 4.43 -1.87 10.16
C ARG A 38 5.94 -1.88 9.84
N TYR A 39 6.25 -2.46 8.70
CA TYR A 39 7.60 -2.64 8.19
C TYR A 39 7.48 -2.93 6.70
N GLY A 40 8.15 -2.14 5.87
CA GLY A 40 8.14 -2.42 4.43
C GLY A 40 9.43 -2.06 3.78
N SER A 41 9.39 -1.92 2.45
CA SER A 41 10.60 -1.73 1.64
C SER A 41 11.35 -0.45 1.96
N VAL A 42 10.63 0.58 2.43
CA VAL A 42 11.28 1.86 2.66
C VAL A 42 11.96 2.00 4.02
N ASP A 43 11.78 1.01 4.89
CA ASP A 43 12.39 1.04 6.22
C ASP A 43 13.84 0.56 6.15
N ARG A 44 14.66 1.31 5.39
CA ARG A 44 16.05 0.98 5.19
C ARG A 44 16.89 1.21 6.46
N ALA A 45 16.59 2.28 7.19
CA ALA A 45 17.40 2.63 8.36
C ALA A 45 16.51 2.85 9.56
N PHE A 46 17.06 2.54 10.72
CA PHE A 46 16.31 2.59 11.95
C PHE A 46 17.28 2.46 13.12
N ARG A 47 16.79 2.88 14.29
CA ARG A 47 17.50 2.71 15.54
C ARG A 47 16.64 1.84 16.44
N THR A 48 17.27 0.87 17.09
CA THR A 48 16.58 -0.01 18.03
C THR A 48 17.63 -0.55 19.01
N ASP A 49 17.19 -0.76 20.25
CA ASP A 49 18.05 -1.23 21.32
C ASP A 49 19.34 -0.46 21.35
N GLY A 50 19.24 0.85 21.11
CA GLY A 50 20.36 1.74 21.31
C GLY A 50 21.37 1.80 20.19
N GLN A 51 21.04 1.27 19.01
CA GLN A 51 21.98 1.25 17.90
C GLN A 51 21.34 1.65 16.60
N VAL A 52 22.09 2.38 15.77
CA VAL A 52 21.65 2.80 14.44
C VAL A 52 22.01 1.73 13.40
N HIS A 53 21.04 1.34 12.59
CA HIS A 53 21.28 0.39 11.52
C HIS A 53 20.88 0.96 10.16
N GLU A 54 21.69 0.64 9.16
CA GLU A 54 21.39 0.90 7.78
C GLU A 54 21.52 -0.41 6.99
N PRO A 56 20.86 -3.16 3.70
CA PRO A 56 20.70 -3.25 2.27
C PRO A 56 19.24 -3.28 1.93
N ASP A 57 18.89 -2.72 0.77
CA ASP A 57 17.53 -2.76 0.32
C ASP A 57 17.08 -4.19 0.05
N GLY A 58 15.80 -4.48 0.34
CA GLY A 58 15.24 -5.77 -0.01
C GLY A 58 14.79 -6.61 1.16
N ILE A 59 14.98 -6.16 2.40
CA ILE A 59 14.82 -7.07 3.53
C ILE A 59 13.39 -7.39 3.85
N ALA A 60 12.49 -6.40 3.86
CA ALA A 60 11.07 -6.66 4.09
C ALA A 60 10.58 -7.80 3.17
N HIS A 61 10.97 -7.72 1.91
CA HIS A 61 10.49 -8.65 0.88
C HIS A 61 11.18 -10.02 0.95
N PHE A 62 12.45 -10.02 1.31
CA PHE A 62 13.19 -11.28 1.60
C PHE A 62 12.49 -12.05 2.75
N LEU A 63 12.17 -11.35 3.83
CA LEU A 63 11.47 -11.97 4.96
C LEU A 63 10.09 -12.52 4.51
N GLU A 64 9.42 -11.78 3.62
CA GLU A 64 8.13 -12.27 3.10
C GLU A 64 8.30 -13.59 2.42
N HIS A 65 9.32 -13.72 1.59
CA HIS A 65 9.55 -14.96 0.89
C HIS A 65 9.83 -16.10 1.88
N LYS A 66 10.60 -15.80 2.92
CA LYS A 66 11.10 -16.83 3.82
C LYS A 66 10.15 -17.14 4.97
N PHE A 68 7.25 -18.35 4.84
CA PHE A 68 6.51 -19.56 4.62
C PHE A 68 7.31 -20.83 4.92
N GLU A 69 8.63 -20.72 5.06
CA GLU A 69 9.49 -21.87 5.41
C GLU A 69 9.11 -22.43 6.78
N ASP A 70 8.90 -23.75 6.89
CA ASP A 70 8.66 -24.40 8.20
C ASP A 70 9.06 -25.86 8.14
N PRO A 71 9.88 -26.32 9.11
CA PRO A 71 10.24 -27.75 9.11
C PRO A 71 9.07 -28.65 9.51
N GLU A 72 8.05 -28.09 10.17
CA GLU A 72 6.91 -28.87 10.68
C GLU A 72 5.58 -28.56 9.96
N ASP A 74 4.01 -27.85 5.56
CA ASP A 74 3.77 -27.17 4.25
C ASP A 74 2.68 -26.16 4.59
N VAL A 75 3.06 -24.89 4.69
CA VAL A 75 2.15 -23.90 5.21
C VAL A 75 0.94 -23.73 4.30
N PHE A 76 1.16 -23.78 2.99
CA PHE A 76 0.09 -23.59 2.01
C PHE A 76 -0.92 -24.73 2.07
N ALA A 77 -0.42 -25.95 2.26
CA ALA A 77 -1.28 -27.13 2.34
C ALA A 77 -2.05 -27.18 3.65
N ARG A 78 -1.46 -26.66 4.73
CA ARG A 78 -2.16 -26.60 6.02
C ARG A 78 -3.46 -25.78 5.92
N PHE A 79 -3.41 -24.64 5.24
CA PHE A 79 -4.62 -23.88 4.91
C PHE A 79 -5.53 -24.62 3.93
N ALA A 80 -4.94 -25.18 2.87
CA ALA A 80 -5.69 -25.78 1.76
C ALA A 80 -6.44 -27.06 2.15
N ALA A 81 -5.76 -27.93 2.91
CA ALA A 81 -6.38 -29.17 3.40
C ALA A 81 -7.62 -28.90 4.25
N HIS A 82 -7.77 -27.69 4.79
CA HIS A 82 -8.95 -27.33 5.60
C HIS A 82 -9.80 -26.16 5.04
N GLY A 83 -9.71 -25.91 3.74
CA GLY A 83 -10.66 -25.04 3.04
C GLY A 83 -10.34 -23.54 3.13
N ALA A 84 -9.06 -23.21 2.95
CA ALA A 84 -8.61 -21.81 2.87
C ALA A 84 -7.38 -21.78 2.02
N SER A 85 -6.99 -20.58 1.61
CA SER A 85 -5.69 -20.39 0.95
C SER A 85 -5.04 -19.09 1.41
N VAL A 86 -3.72 -19.08 1.38
CA VAL A 86 -2.91 -18.05 2.04
C VAL A 86 -1.99 -17.42 0.99
N ASP A 87 -1.69 -16.12 1.18
CA ASP A 87 -0.76 -15.44 0.29
C ASP A 87 -0.14 -14.31 1.11
N ALA A 88 0.75 -13.54 0.49
CA ALA A 88 1.35 -12.41 1.18
C ALA A 88 1.79 -11.37 0.13
N TYR A 89 2.08 -10.16 0.59
CA TYR A 89 2.75 -9.17 -0.21
C TYR A 89 3.60 -8.25 0.69
N THR A 90 4.58 -7.59 0.07
CA THR A 90 5.34 -6.51 0.69
C THR A 90 5.07 -5.25 -0.11
N THR A 91 4.82 -4.16 0.61
CA THR A 91 4.69 -2.84 -0.04
C THR A 91 5.66 -1.85 0.63
N PHE A 92 5.49 -0.56 0.36
CA PHE A 92 6.46 0.42 0.80
C PHE A 92 6.63 0.44 2.30
N ASP A 93 5.51 0.35 3.00
CA ASP A 93 5.49 0.60 4.44
C ASP A 93 4.81 -0.47 5.28
N HIS A 94 4.42 -1.57 4.66
CA HIS A 94 3.96 -2.73 5.43
C HIS A 94 4.16 -4.02 4.63
N THR A 95 4.18 -5.13 5.38
CA THR A 95 4.15 -6.47 4.83
C THR A 95 2.94 -7.17 5.43
N ALA A 96 2.20 -7.85 4.55
CA ALA A 96 0.91 -8.48 4.90
C ALA A 96 0.87 -9.96 4.53
N TYR A 97 0.28 -10.76 5.45
CA TYR A 97 0.00 -12.19 5.32
C TYR A 97 -1.50 -12.41 5.50
N TYR A 98 -2.13 -13.14 4.57
CA TYR A 98 -3.59 -13.22 4.60
C TYR A 98 -4.12 -14.52 4.04
N PHE A 99 -5.28 -14.95 4.54
CA PHE A 99 -5.96 -16.08 3.98
C PHE A 99 -7.40 -15.73 3.73
N SER A 100 -8.03 -16.53 2.88
CA SER A 100 -9.47 -16.57 2.83
C SER A 100 -9.93 -18.04 2.79
N GLY A 101 -11.07 -18.31 3.42
CA GLY A 101 -11.60 -19.67 3.51
C GLY A 101 -13.04 -19.72 3.97
N THR A 102 -13.55 -20.95 4.13
CA THR A 102 -14.98 -21.18 4.34
C THR A 102 -15.35 -22.02 5.58
N GLY A 103 -14.37 -22.42 6.37
CA GLY A 103 -14.61 -23.31 7.49
C GLY A 103 -13.31 -23.54 8.23
N GLU A 104 -13.39 -24.10 9.43
CA GLU A 104 -12.22 -24.42 10.23
C GLU A 104 -11.38 -23.15 10.42
N ILE A 105 -12.09 -22.05 10.64
CA ILE A 105 -11.48 -20.75 10.80
C ILE A 105 -10.56 -20.74 12.01
N ALA A 106 -10.94 -21.42 13.10
CA ALA A 106 -10.08 -21.56 14.29
C ALA A 106 -8.70 -22.08 13.91
N LYS A 107 -8.67 -23.12 13.09
CA LYS A 107 -7.40 -23.72 12.65
C LYS A 107 -6.58 -22.74 11.81
N HIS A 108 -7.23 -22.02 10.90
CA HIS A 108 -6.54 -21.16 9.97
C HIS A 108 -5.93 -19.95 10.69
N VAL A 109 -6.69 -19.35 11.60
CA VAL A 109 -6.16 -18.25 12.39
C VAL A 109 -4.92 -18.66 13.19
N GLY A 110 -5.00 -19.85 13.80
CA GLY A 110 -3.87 -20.46 14.50
C GLY A 110 -2.65 -20.66 13.59
N THR A 111 -2.87 -21.17 12.38
CA THR A 111 -1.79 -21.36 11.43
C THR A 111 -1.18 -20.00 11.00
N LEU A 112 -2.06 -19.01 10.82
CA LEU A 112 -1.62 -17.67 10.40
C LEU A 112 -0.71 -17.07 11.48
N LEU A 113 -1.18 -17.09 12.73
CA LEU A 113 -0.35 -16.55 13.82
C LEU A 113 0.96 -17.33 13.89
N ASP A 114 0.87 -18.65 13.91
CA ASP A 114 2.05 -19.52 14.07
C ASP A 114 3.13 -19.31 13.01
N PHE A 115 2.76 -19.26 11.74
CA PHE A 115 3.81 -19.18 10.69
C PHE A 115 4.45 -17.78 10.55
N VAL A 116 3.74 -16.76 11.00
CA VAL A 116 4.30 -15.40 10.96
C VAL A 116 5.14 -15.13 12.22
N GLN A 117 4.84 -15.81 13.34
CA GLN A 117 5.54 -15.58 14.62
C GLN A 117 6.76 -16.47 14.86
N SER A 118 7.12 -17.31 13.88
CA SER A 118 8.43 -17.99 13.90
C SER A 118 9.06 -17.87 12.54
N ILE A 119 10.39 -17.78 12.50
CA ILE A 119 11.07 -17.75 11.20
C ILE A 119 12.11 -18.82 11.22
N HIS A 120 12.36 -19.43 10.06
CA HIS A 120 13.28 -20.55 9.96
C HIS A 120 14.31 -20.28 8.87
N LEU A 121 15.37 -19.60 9.25
CA LEU A 121 16.45 -19.25 8.34
C LEU A 121 17.69 -20.06 8.60
N THR A 122 18.36 -20.47 7.52
CA THR A 122 19.65 -21.17 7.59
C THR A 122 20.57 -20.48 6.59
N ASP A 123 21.88 -20.62 6.77
CA ASP A 123 22.80 -20.01 5.82
C ASP A 123 22.49 -20.53 4.43
N GLU A 124 22.23 -21.83 4.34
CA GLU A 124 21.89 -22.48 3.08
C GLU A 124 20.68 -21.82 2.42
N ASN A 125 19.54 -21.77 3.11
CA ASN A 125 18.28 -21.31 2.49
C ASN A 125 18.22 -19.81 2.27
N VAL A 126 19.06 -19.07 3.00
CA VAL A 126 19.29 -17.67 2.70
C VAL A 126 20.04 -17.56 1.38
N GLU A 127 21.04 -18.41 1.18
CA GLU A 127 21.73 -18.43 -0.12
C GLU A 127 20.77 -18.78 -1.29
N LYS A 128 20.01 -19.86 -1.13
CA LYS A 128 19.07 -20.29 -2.18
C LYS A 128 18.12 -19.17 -2.58
N GLU A 129 17.57 -18.47 -1.58
CA GLU A 129 16.52 -17.52 -1.85
C GLU A 129 17.10 -16.26 -2.50
N LYS A 130 18.40 -16.01 -2.35
CA LYS A 130 19.03 -14.82 -2.99
C LYS A 130 19.00 -14.96 -4.52
N GLY A 131 19.29 -16.16 -5.00
CA GLY A 131 19.25 -16.46 -6.43
C GLY A 131 17.85 -16.31 -7.02
N ILE A 132 16.84 -16.77 -6.24
CA ILE A 132 15.44 -16.72 -6.65
C ILE A 132 14.97 -15.27 -6.74
N ILE A 133 15.40 -14.43 -5.80
CA ILE A 133 15.00 -13.04 -5.80
C ILE A 133 15.74 -12.24 -6.88
N ALA A 134 17.03 -12.54 -7.09
CA ALA A 134 17.79 -11.85 -8.15
C ALA A 134 17.11 -12.05 -9.50
N GLN A 135 16.63 -13.25 -9.75
CA GLN A 135 15.96 -13.60 -11.00
C GLN A 135 14.66 -12.83 -11.17
N GLU A 136 13.85 -12.84 -10.11
CA GLU A 136 12.61 -12.06 -10.05
C GLU A 136 12.87 -10.58 -10.34
N ILE A 137 13.95 -10.03 -9.79
CA ILE A 137 14.37 -8.65 -10.06
C ILE A 137 14.69 -8.42 -11.55
N HIS A 138 15.44 -9.33 -12.17
CA HIS A 138 15.75 -9.22 -13.62
C HIS A 138 14.51 -9.21 -14.50
N VAL A 140 11.36 -8.47 -13.64
CA VAL A 140 10.59 -7.25 -13.39
C VAL A 140 11.24 -5.98 -13.99
N ASN A 141 12.54 -6.01 -14.29
CA ASN A 141 13.18 -4.86 -14.96
C ASN A 141 12.87 -4.88 -16.46
N ASP A 142 12.40 -6.02 -16.96
CA ASP A 142 11.97 -6.17 -18.35
C ASP A 142 10.47 -5.95 -18.56
N HIS A 143 9.71 -5.77 -17.48
CA HIS A 143 8.27 -5.51 -17.59
C HIS A 143 8.06 -4.02 -17.86
N PRO A 144 7.48 -3.68 -19.03
CA PRO A 144 7.37 -2.25 -19.39
C PRO A 144 6.60 -1.37 -18.40
N ASP A 145 5.50 -1.87 -17.84
CA ASP A 145 4.70 -1.08 -16.90
C ASP A 145 5.52 -0.75 -15.67
N ARG A 146 6.18 -1.78 -15.14
CA ARG A 146 6.97 -1.61 -13.93
C ARG A 146 8.16 -0.67 -14.21
N ARG A 147 8.75 -0.82 -15.39
CA ARG A 147 9.87 0.02 -15.82
C ARG A 147 9.51 1.53 -15.90
N ALA A 148 8.41 1.90 -16.55
CA ALA A 148 7.97 3.29 -16.66
C ALA A 148 7.72 3.91 -15.28
N TYR A 149 7.06 3.14 -14.43
CA TYR A 149 6.81 3.51 -13.04
C TYR A 149 8.12 3.75 -12.30
N GLU A 151 11.05 4.43 -13.52
CA GLU A 151 11.76 5.60 -14.11
C GLU A 151 11.20 6.92 -13.52
N LEU A 152 9.89 6.99 -13.38
CA LEU A 152 9.24 8.15 -12.74
C LEU A 152 9.75 8.36 -11.31
N LEU A 153 9.73 7.30 -10.51
CA LEU A 153 10.23 7.38 -9.13
C LEU A 153 11.70 7.77 -9.03
N ARG A 154 12.50 7.19 -9.92
CA ARG A 154 13.91 7.46 -9.96
C ARG A 154 14.17 8.94 -10.36
N ALA A 155 13.31 9.47 -11.23
CA ALA A 155 13.39 10.88 -11.61
C ALA A 155 12.90 11.81 -10.46
N TYR A 157 12.61 11.23 -7.03
CA TYR A 157 13.19 11.13 -5.71
C TYR A 157 14.71 11.17 -5.79
N HIS A 158 15.32 12.04 -4.97
CA HIS A 158 16.76 12.13 -4.89
C HIS A 158 17.38 11.00 -4.07
N GLU A 159 16.83 10.74 -2.89
CA GLU A 159 17.48 9.89 -1.86
C GLU A 159 16.50 8.93 -1.16
N HIS A 160 15.21 9.29 -1.07
CA HIS A 160 14.24 8.48 -0.38
C HIS A 160 14.25 7.01 -0.90
N PRO A 161 14.21 6.00 0.00
CA PRO A 161 14.23 4.61 -0.45
C PRO A 161 13.12 4.17 -1.40
N VAL A 162 12.02 4.92 -1.47
CA VAL A 162 10.93 4.61 -2.38
C VAL A 162 11.42 4.56 -3.85
N ARG A 163 12.59 5.11 -4.11
CA ARG A 163 13.14 5.11 -5.45
C ARG A 163 13.75 3.77 -5.89
N ILE A 164 13.92 2.86 -4.93
CA ILE A 164 14.34 1.49 -5.17
C ILE A 164 13.13 0.57 -5.14
N ASP A 165 13.07 -0.37 -6.07
CA ASP A 165 11.91 -1.26 -6.14
C ASP A 165 11.83 -2.17 -4.89
N ILE A 166 10.65 -2.66 -4.62
CA ILE A 166 10.34 -3.39 -3.40
C ILE A 166 11.27 -4.56 -3.10
N ALA A 167 11.69 -5.30 -4.13
CA ALA A 167 12.61 -6.42 -3.98
C ALA A 167 14.09 -6.03 -3.77
N GLY A 168 14.42 -4.76 -3.93
CA GLY A 168 15.79 -4.28 -3.83
C GLY A 168 16.48 -4.36 -5.17
N THR A 169 17.81 -4.40 -5.17
CA THR A 169 18.59 -4.68 -6.40
C THR A 169 19.29 -6.05 -6.29
N VAL A 170 19.89 -6.50 -7.39
CA VAL A 170 20.73 -7.68 -7.35
C VAL A 170 21.87 -7.51 -6.33
N GLU A 171 22.57 -6.37 -6.41
CA GLU A 171 23.69 -6.05 -5.50
C GLU A 171 23.28 -6.03 -4.01
N SER A 172 22.18 -5.35 -3.71
CA SER A 172 21.79 -5.20 -2.32
C SER A 172 21.29 -6.54 -1.79
N VAL A 173 20.52 -7.26 -2.59
CA VAL A 173 20.00 -8.56 -2.17
C VAL A 173 21.18 -9.51 -1.88
N ARG A 174 22.18 -9.44 -2.73
CA ARG A 174 23.39 -10.24 -2.56
C ARG A 174 24.16 -9.90 -1.26
N ALA A 175 24.09 -8.66 -0.78
CA ALA A 175 24.82 -8.31 0.45
C ALA A 175 24.03 -8.66 1.72
N ILE A 176 22.73 -8.97 1.59
CA ILE A 176 21.92 -9.30 2.78
C ILE A 176 22.52 -10.52 3.50
N THR A 177 22.61 -10.46 4.83
CA THR A 177 23.13 -11.56 5.62
C THR A 177 22.02 -12.11 6.52
N LYS A 178 22.17 -13.37 6.93
CA LYS A 178 21.22 -14.00 7.84
C LYS A 178 21.04 -13.17 9.12
N GLU A 179 22.13 -12.59 9.59
CA GLU A 179 22.17 -11.78 10.81
C GLU A 179 21.26 -10.55 10.68
N GLN A 180 21.38 -9.87 9.55
CA GLN A 180 20.51 -8.74 9.24
C GLN A 180 19.05 -9.13 9.14
N LEU A 181 18.78 -10.24 8.47
CA LEU A 181 17.41 -10.69 8.32
C LEU A 181 16.81 -10.94 9.70
N LEU A 182 17.60 -11.58 10.56
CA LEU A 182 17.14 -11.94 11.89
C LEU A 182 16.94 -10.69 12.75
N LEU A 183 17.81 -9.71 12.59
CA LEU A 183 17.67 -8.44 13.31
C LEU A 183 16.36 -7.77 12.91
N CYS A 184 16.13 -7.65 11.61
CA CYS A 184 14.91 -7.00 11.13
C CYS A 184 13.69 -7.77 11.54
N TYR A 185 13.74 -9.10 11.51
CA TYR A 185 12.59 -9.90 11.93
C TYR A 185 12.32 -9.69 13.42
N ASP A 186 13.36 -9.74 14.24
CA ASP A 186 13.18 -9.58 15.68
C ASP A 186 12.68 -8.16 15.99
N THR A 187 13.12 -7.16 15.24
CA THR A 187 12.75 -5.78 15.51
C THR A 187 11.31 -5.48 15.09
N PHE A 188 10.91 -5.96 13.92
CA PHE A 188 9.67 -5.51 13.28
C PHE A 188 8.53 -6.47 13.36
N TYR A 189 8.80 -7.73 13.69
CA TYR A 189 7.74 -8.74 13.74
C TYR A 189 7.28 -9.00 15.16
N HIS A 190 7.62 -8.12 16.09
CA HIS A 190 7.07 -8.18 17.41
C HIS A 190 5.58 -7.85 17.36
N PRO A 191 4.77 -8.49 18.21
CA PRO A 191 3.32 -8.25 18.09
C PRO A 191 2.88 -6.80 18.31
N SER A 192 3.66 -6.03 19.06
CA SER A 192 3.40 -4.63 19.32
C SER A 192 3.55 -3.80 18.05
N ASN A 193 4.21 -4.35 17.03
CA ASN A 193 4.38 -3.64 15.75
C ASN A 193 3.40 -4.11 14.67
N VAL A 195 -0.76 -5.99 13.47
CA VAL A 195 -2.20 -5.87 13.53
C VAL A 195 -2.80 -7.11 12.87
N LEU A 196 -3.91 -7.60 13.45
CA LEU A 196 -4.66 -8.75 12.95
C LEU A 196 -6.11 -8.32 12.75
N VAL A 197 -6.61 -8.49 11.52
CA VAL A 197 -7.96 -8.01 11.15
C VAL A 197 -8.65 -9.14 10.37
N ILE A 198 -9.89 -9.44 10.76
CA ILE A 198 -10.64 -10.57 10.21
C ILE A 198 -12.06 -10.13 9.95
N ALA A 199 -12.56 -10.43 8.75
CA ALA A 199 -13.96 -10.16 8.40
C ALA A 199 -14.58 -11.35 7.70
N GLY A 200 -15.85 -11.58 8.01
CA GLY A 200 -16.64 -12.58 7.31
C GLY A 200 -17.42 -13.53 8.20
N GLY A 201 -17.68 -14.72 7.67
CA GLY A 201 -18.58 -15.71 8.32
C GLY A 201 -17.94 -16.56 9.40
N PHE A 202 -17.58 -15.95 10.52
CA PHE A 202 -16.97 -16.68 11.66
C PHE A 202 -17.60 -16.24 12.97
N ASP A 203 -17.41 -17.04 14.02
CA ASP A 203 -17.96 -16.71 15.34
C ASP A 203 -16.94 -15.88 16.04
N ALA A 204 -17.29 -14.66 16.39
CA ALA A 204 -16.33 -13.72 16.96
C ALA A 204 -15.85 -14.13 18.37
N ASP A 205 -16.74 -14.72 19.16
CA ASP A 205 -16.37 -15.15 20.52
C ASP A 205 -15.38 -16.31 20.41
N GLU A 206 -15.66 -17.24 19.49
CA GLU A 206 -14.81 -18.41 19.28
C GLU A 206 -13.40 -18.00 18.85
N ILE A 207 -13.32 -17.11 17.85
CA ILE A 207 -12.03 -16.74 17.29
C ILE A 207 -11.23 -15.84 18.26
N ALA A 208 -11.92 -14.97 19.00
CA ALA A 208 -11.24 -14.10 20.00
C ALA A 208 -10.56 -14.92 21.07
N HIS A 209 -11.18 -16.02 21.49
CA HIS A 209 -10.61 -16.93 22.47
C HIS A 209 -9.42 -17.73 21.88
N VAL A 210 -9.54 -18.18 20.64
CA VAL A 210 -8.41 -18.87 19.98
C VAL A 210 -7.16 -17.97 19.87
N ILE A 211 -7.38 -16.68 19.56
CA ILE A 211 -6.26 -15.77 19.37
C ILE A 211 -5.58 -15.57 20.74
N GLU A 212 -6.38 -15.30 21.78
CA GLU A 212 -5.84 -15.05 23.14
C GLU A 212 -5.07 -16.28 23.63
N GLU A 213 -5.63 -17.45 23.40
CA GLU A 213 -4.98 -18.70 23.83
C GLU A 213 -3.69 -18.95 23.07
N ASN A 214 -3.69 -18.72 21.77
CA ASN A 214 -2.49 -18.89 20.96
C ASN A 214 -1.36 -17.97 21.41
N GLN A 215 -1.67 -16.69 21.63
CA GLN A 215 -0.71 -15.70 22.09
C GLN A 215 -0.25 -15.90 23.53
N ALA A 216 -1.19 -16.28 24.42
CA ALA A 216 -0.87 -16.55 25.83
C ALA A 216 0.13 -17.71 26.00
N LYS A 217 0.08 -18.69 25.10
CA LYS A 217 0.99 -19.85 25.12
C LYS A 217 2.39 -19.56 24.60
N LYS A 218 2.58 -18.43 23.94
CA LYS A 218 3.90 -18.07 23.43
C LYS A 218 4.60 -17.08 24.37
N SER A 219 5.90 -16.94 24.20
CA SER A 219 6.67 -16.00 25.00
C SER A 219 7.29 -14.93 24.14
N PHE A 220 6.98 -13.69 24.47
CA PHE A 220 7.49 -12.59 23.71
C PHE A 220 8.43 -11.77 24.55
N LYS A 221 9.45 -11.24 23.89
CA LYS A 221 10.32 -10.23 24.47
C LYS A 221 9.58 -8.93 24.74
N GLU A 222 10.27 -8.05 25.46
CA GLU A 222 9.83 -6.68 25.61
C GLU A 222 9.76 -6.07 24.24
N PRO A 223 8.76 -5.22 24.03
CA PRO A 223 8.63 -4.66 22.69
C PRO A 223 9.87 -3.84 22.32
N PRO A 224 10.50 -4.13 21.20
CA PRO A 224 11.50 -3.20 20.67
C PRO A 224 10.94 -1.77 20.42
N ALA A 225 11.75 -0.77 20.80
CA ALA A 225 11.53 0.63 20.44
C ALA A 225 12.20 0.83 19.07
N ILE A 226 11.51 1.49 18.15
CA ILE A 226 12.01 1.71 16.81
C ILE A 226 12.02 3.21 16.52
N GLU A 227 13.17 3.79 16.23
CA GLU A 227 13.20 5.18 15.69
C GLU A 227 13.36 5.01 14.14
N ARG A 228 12.39 5.49 13.38
CA ARG A 228 12.43 5.35 11.91
C ARG A 228 13.35 6.44 11.37
N LEU A 229 14.36 6.06 10.57
CA LEU A 229 15.33 7.02 10.06
C LEU A 229 15.23 7.17 8.52
N TYR A 230 14.92 8.38 8.09
CA TYR A 230 14.59 8.73 6.70
C TYR A 230 15.34 10.02 6.34
N PRO A 231 15.77 10.17 5.06
CA PRO A 231 16.53 11.36 4.65
C PRO A 231 15.68 12.60 4.45
N GLU A 232 16.33 13.76 4.42
CA GLU A 232 15.66 15.02 4.06
C GLU A 232 15.48 15.18 2.54
N GLU A 233 14.44 14.62 2.03
CA GLU A 233 14.22 14.61 0.62
C GLU A 233 13.82 16.05 0.13
N PRO A 234 14.50 16.56 -0.91
CA PRO A 234 14.04 17.83 -1.51
C PRO A 234 12.64 17.79 -2.06
N PRO A 235 11.95 18.96 -2.04
CA PRO A 235 10.58 18.97 -2.54
C PRO A 235 10.47 18.97 -4.07
N THR A 236 11.58 19.20 -4.77
CA THR A 236 11.61 19.23 -6.21
C THR A 236 12.19 17.91 -6.75
N PRO A 237 11.84 17.55 -7.99
CA PRO A 237 12.32 16.29 -8.54
C PRO A 237 13.81 16.36 -8.86
N ALA A 238 14.46 15.20 -8.86
CA ALA A 238 15.85 15.11 -9.28
C ALA A 238 15.97 15.40 -10.78
N ARG A 239 15.04 14.88 -11.57
CA ARG A 239 14.94 15.20 -13.00
C ARG A 239 13.44 15.39 -13.29
N SER A 240 13.07 16.48 -13.92
CA SER A 240 11.65 16.76 -14.11
C SER A 240 11.09 16.20 -15.43
N ARG A 241 11.97 15.68 -16.30
CA ARG A 241 11.55 15.15 -17.60
C ARG A 241 12.43 13.96 -17.96
N HIS A 242 11.82 12.90 -18.50
CA HIS A 242 12.56 11.73 -18.91
C HIS A 242 11.80 11.01 -20.04
N TRP A 243 12.55 10.48 -20.98
CA TRP A 243 12.01 9.52 -21.93
C TRP A 243 13.03 8.43 -22.14
N HIS A 245 13.46 4.49 -24.65
CA HIS A 245 12.92 3.53 -25.60
C HIS A 245 12.93 2.13 -24.98
N PHE A 246 11.88 1.38 -25.29
CA PHE A 246 11.68 0.03 -24.73
C PHE A 246 10.85 -0.77 -25.74
N PRO A 247 11.07 -2.10 -25.83
CA PRO A 247 10.21 -2.99 -26.64
C PRO A 247 8.74 -3.01 -26.16
N VAL A 248 8.00 -1.96 -26.53
CA VAL A 248 6.58 -1.77 -26.17
C VAL A 248 5.98 -1.53 -27.53
N GLN A 249 4.70 -1.80 -27.69
CA GLN A 249 4.08 -1.65 -28.99
C GLN A 249 3.34 -0.33 -29.13
N GLN A 250 3.09 0.36 -28.02
CA GLN A 250 2.64 1.74 -28.10
C GLN A 250 3.32 2.59 -27.00
N PRO A 251 3.45 3.90 -27.26
CA PRO A 251 4.06 4.72 -26.21
C PRO A 251 3.23 4.71 -24.91
N ARG A 252 3.88 5.01 -23.78
CA ARG A 252 3.20 5.18 -22.49
C ARG A 252 3.69 6.47 -21.85
N LEU A 253 2.77 7.20 -21.22
CA LEU A 253 3.10 8.47 -20.55
C LEU A 253 2.73 8.33 -19.09
N LEU A 254 3.59 8.81 -18.19
CA LEU A 254 3.27 8.94 -16.79
C LEU A 254 3.66 10.36 -16.39
N VAL A 255 2.71 11.09 -15.79
CA VAL A 255 2.97 12.35 -15.18
C VAL A 255 2.74 12.19 -13.67
N GLY A 256 3.70 12.66 -12.88
CA GLY A 256 3.61 12.59 -11.46
C GLY A 256 3.88 13.89 -10.74
N TRP A 257 3.35 13.97 -9.52
CA TRP A 257 3.59 15.12 -8.62
C TRP A 257 4.03 14.60 -7.27
N LYS A 258 5.06 15.24 -6.75
CA LYS A 258 5.74 14.82 -5.53
C LYS A 258 5.19 15.62 -4.33
N GLU A 259 4.67 14.95 -3.31
CA GLU A 259 4.40 15.62 -2.04
C GLU A 259 5.72 16.01 -1.34
N ALA A 260 5.71 17.15 -0.66
CA ALA A 260 6.90 17.60 0.07
C ALA A 260 7.23 16.67 1.25
N ASN A 261 6.19 16.04 1.81
CA ASN A 261 6.36 15.10 2.92
C ASN A 261 5.18 14.15 3.02
N GLY A 262 5.32 13.13 3.88
CA GLY A 262 4.24 12.19 4.10
C GLY A 262 3.23 12.75 5.11
N ALA A 263 2.27 11.92 5.52
CA ALA A 263 1.26 12.30 6.49
C ALA A 263 0.95 11.10 7.38
N PHE A 264 0.27 11.37 8.50
CA PHE A 264 0.02 10.42 9.57
C PHE A 264 -1.45 10.40 9.97
N GLY A 265 -1.97 9.21 10.23
CA GLY A 265 -3.26 9.08 10.90
C GLY A 265 -4.44 9.79 10.24
N SER A 266 -5.17 10.58 11.03
CA SER A 266 -6.35 11.25 10.55
C SER A 266 -5.99 12.26 9.43
N ASN A 267 -4.80 12.86 9.48
CA ASN A 267 -4.38 13.76 8.42
C ASN A 267 -4.17 13.01 7.07
N LEU A 268 -3.65 11.81 7.16
CA LEU A 268 -3.40 10.98 6.01
C LEU A 268 -4.71 10.53 5.40
N ILE A 269 -5.65 10.11 6.25
CA ILE A 269 -6.99 9.69 5.81
C ILE A 269 -7.65 10.83 5.05
N GLU A 270 -7.57 12.03 5.61
CA GLU A 270 -8.24 13.18 4.98
C GLU A 270 -7.61 13.50 3.63
N GLN A 271 -6.30 13.53 3.58
CA GLN A 271 -5.59 13.95 2.35
C GLN A 271 -5.75 12.88 1.23
N ASP A 272 -5.68 11.62 1.61
CA ASP A 272 -5.91 10.50 0.66
C ASP A 272 -7.36 10.51 0.09
N THR A 273 -8.33 10.74 0.96
CA THR A 273 -9.72 10.79 0.54
C THR A 273 -9.97 11.98 -0.37
N ALA A 274 -9.43 13.12 0.02
CA ALA A 274 -9.55 14.32 -0.76
C ALA A 274 -8.94 14.15 -2.18
N THR A 276 -8.70 11.31 -3.81
CA THR A 276 -9.48 10.33 -4.57
C THR A 276 -10.58 11.11 -5.31
N ILE A 277 -11.23 12.04 -4.58
CA ILE A 277 -12.30 12.83 -5.17
C ILE A 277 -11.77 13.75 -6.26
N LEU A 278 -10.67 14.45 -5.95
CA LEU A 278 -10.07 15.41 -6.89
C LEU A 278 -9.60 14.79 -8.20
N LEU A 279 -8.89 13.67 -8.10
CA LEU A 279 -8.39 12.96 -9.28
C LEU A 279 -9.52 12.41 -10.15
N ASP A 280 -10.61 11.97 -9.53
CA ASP A 280 -11.78 11.54 -10.29
C ASP A 280 -12.39 12.72 -11.05
N ALA A 281 -12.49 13.88 -10.37
CA ALA A 281 -13.06 15.09 -10.98
C ALA A 281 -12.19 15.59 -12.13
N LEU A 282 -10.87 15.53 -11.95
CA LEU A 282 -9.94 16.03 -12.96
C LEU A 282 -9.78 15.07 -14.13
N PHE A 283 -9.68 13.77 -13.84
CA PHE A 283 -9.19 12.80 -14.79
C PHE A 283 -10.08 11.54 -14.95
N GLY A 284 -11.17 11.44 -14.21
CA GLY A 284 -11.93 10.19 -14.09
C GLY A 284 -12.65 9.82 -15.36
N PRO A 285 -13.17 8.57 -15.41
CA PRO A 285 -13.76 8.10 -16.66
C PRO A 285 -15.02 8.83 -17.08
N THR A 286 -15.68 9.51 -16.13
CA THR A 286 -16.84 10.32 -16.48
C THR A 286 -16.55 11.83 -16.61
N SER A 287 -15.28 12.24 -16.60
CA SER A 287 -14.93 13.65 -16.77
C SER A 287 -14.97 14.00 -18.24
N ALA A 288 -15.42 15.22 -18.56
CA ALA A 288 -15.38 15.71 -19.93
C ALA A 288 -13.94 15.73 -20.48
N PHE A 289 -12.96 16.01 -19.62
CA PHE A 289 -11.55 15.99 -20.05
C PHE A 289 -11.19 14.60 -20.56
N TYR A 290 -11.41 13.58 -19.74
CA TYR A 290 -11.13 12.20 -20.16
C TYR A 290 -11.92 11.81 -21.46
N GLN A 291 -13.19 12.19 -21.54
CA GLN A 291 -14.01 11.84 -22.71
C GLN A 291 -13.47 12.53 -23.96
N SER A 292 -12.99 13.75 -23.80
CA SER A 292 -12.39 14.50 -24.92
C SER A 292 -11.08 13.83 -25.37
N LEU A 293 -10.27 13.38 -24.42
CA LEU A 293 -9.02 12.68 -24.75
C LEU A 293 -9.30 11.37 -25.46
N LEU A 294 -10.31 10.65 -24.99
CA LEU A 294 -10.67 9.36 -25.57
C LEU A 294 -11.21 9.55 -27.01
N ASP A 295 -12.12 10.51 -27.16
CA ASP A 295 -12.72 10.84 -28.46
C ASP A 295 -11.66 11.21 -29.48
N GLU A 296 -10.58 11.82 -29.00
CA GLU A 296 -9.47 12.24 -29.84
C GLU A 296 -8.39 11.14 -29.99
N GLY A 297 -8.62 9.97 -29.41
CA GLY A 297 -7.66 8.85 -29.49
C GLY A 297 -6.32 9.09 -28.80
N LEU A 298 -6.27 10.03 -27.86
CA LEU A 298 -5.04 10.34 -27.12
C LEU A 298 -4.79 9.39 -25.94
N VAL A 299 -5.84 8.72 -25.46
CA VAL A 299 -5.78 7.70 -24.41
C VAL A 299 -6.66 6.49 -24.76
N ASP A 300 -6.55 5.41 -23.98
CA ASP A 300 -7.54 4.31 -24.02
C ASP A 300 -8.16 4.15 -22.63
N LYS A 301 -9.01 3.14 -22.44
CA LYS A 301 -9.71 2.94 -21.15
C LYS A 301 -8.85 2.51 -19.97
N GLY A 302 -7.58 2.17 -20.23
CA GLY A 302 -6.61 1.89 -19.15
C GLY A 302 -5.94 3.15 -18.57
N PHE A 303 -6.26 4.31 -19.12
CA PHE A 303 -5.84 5.59 -18.55
C PHE A 303 -6.29 5.66 -17.11
N SER A 304 -5.44 6.12 -16.19
CA SER A 304 -5.83 6.18 -14.78
C SER A 304 -5.06 7.26 -14.02
N ALA A 305 -5.62 7.68 -12.90
CA ALA A 305 -5.01 8.64 -12.01
C ALA A 305 -5.09 8.01 -10.62
N ASN A 306 -3.95 7.94 -9.95
CA ASN A 306 -3.83 7.28 -8.65
C ASN A 306 -3.00 8.13 -7.69
N TYR A 307 -3.23 7.92 -6.40
CA TYR A 307 -2.49 8.68 -5.37
C TYR A 307 -1.95 7.70 -4.36
N GLN A 308 -0.74 7.95 -3.90
N GLN A 308 -0.72 7.94 -3.93
CA GLN A 308 -0.11 7.08 -2.91
CA GLN A 308 -0.09 7.13 -2.91
C GLN A 308 0.42 7.96 -1.78
C GLN A 308 0.35 8.04 -1.77
N LEU A 309 0.02 7.68 -0.52
CA LEU A 309 0.43 8.50 0.62
C LEU A 309 0.80 7.57 1.78
N SER A 310 1.94 7.89 2.38
CA SER A 310 2.53 7.10 3.44
C SER A 310 3.06 8.12 4.48
N ASN A 311 3.60 7.63 5.59
CA ASN A 311 4.12 8.49 6.64
C ASN A 311 5.29 9.39 6.20
N THR A 312 6.14 8.91 5.28
CA THR A 312 7.35 9.64 4.90
C THR A 312 7.42 10.09 3.43
N PHE A 313 6.37 9.81 2.66
CA PHE A 313 6.36 10.29 1.26
C PHE A 313 4.96 10.23 0.71
N GLY A 314 4.74 10.88 -0.41
CA GLY A 314 3.52 10.69 -1.18
C GLY A 314 3.66 11.21 -2.60
N TYR A 315 2.83 10.68 -3.49
CA TYR A 315 2.81 11.18 -4.89
C TYR A 315 1.51 10.88 -5.62
N THR A 316 1.25 11.68 -6.65
CA THR A 316 0.19 11.43 -7.65
C THR A 316 0.83 10.92 -8.94
N LEU A 317 0.16 9.95 -9.59
CA LEU A 317 0.49 9.46 -10.92
C LEU A 317 -0.73 9.44 -11.84
N VAL A 318 -0.54 9.91 -13.07
CA VAL A 318 -1.60 9.89 -14.06
C VAL A 318 -0.99 9.46 -15.37
N GLY A 319 -1.70 8.63 -16.12
CA GLY A 319 -1.25 8.30 -17.48
C GLY A 319 -1.68 6.93 -17.92
N GLY A 320 -0.98 6.39 -18.89
CA GLY A 320 -1.32 5.09 -19.46
C GLY A 320 -0.77 5.09 -20.87
N ASN A 321 -1.38 4.26 -21.73
CA ASN A 321 -1.03 4.20 -23.13
C ASN A 321 -1.33 5.55 -23.80
N ALA A 322 -0.42 5.99 -24.67
CA ALA A 322 -0.50 7.31 -25.25
C ALA A 322 0.11 7.31 -26.68
N PRO A 323 -0.74 7.19 -27.71
CA PRO A 323 -0.19 7.15 -29.08
C PRO A 323 0.57 8.43 -29.46
N HIS A 324 0.18 9.54 -28.85
CA HIS A 324 0.86 10.82 -29.05
C HIS A 324 1.21 11.39 -27.67
N PRO A 325 2.33 10.91 -27.09
CA PRO A 325 2.62 11.21 -25.70
C PRO A 325 2.87 12.69 -25.44
N ASP A 326 3.49 13.36 -26.41
CA ASP A 326 3.75 14.81 -26.30
C ASP A 326 2.45 15.59 -26.22
N VAL A 327 1.52 15.25 -27.11
CA VAL A 327 0.24 15.93 -27.19
C VAL A 327 -0.53 15.73 -25.88
N LEU A 328 -0.54 14.50 -25.38
CA LEU A 328 -1.24 14.15 -24.14
C LEU A 328 -0.65 14.90 -22.97
N ALA A 329 0.67 14.93 -22.88
CA ALA A 329 1.33 15.70 -21.83
C ALA A 329 0.95 17.17 -21.89
N GLU A 330 0.87 17.74 -23.09
CA GLU A 330 0.48 19.15 -23.22
C GLU A 330 -0.95 19.38 -22.75
N ARG A 331 -1.86 18.47 -23.12
CA ARG A 331 -3.28 18.61 -22.79
C ARG A 331 -3.50 18.54 -21.28
N ILE A 332 -2.77 17.63 -20.63
CA ILE A 332 -2.80 17.52 -19.17
C ILE A 332 -2.33 18.82 -18.50
N GLN A 333 -1.20 19.34 -18.93
CA GLN A 333 -0.69 20.59 -18.37
C GLN A 333 -1.62 21.79 -18.64
N SER A 334 -2.25 21.84 -19.81
CA SER A 334 -3.21 22.90 -20.12
C SER A 334 -4.45 22.84 -19.26
N HIS A 335 -5.03 21.64 -19.19
CA HIS A 335 -6.16 21.35 -18.32
C HIS A 335 -5.86 21.86 -16.91
N LEU A 336 -4.74 21.43 -16.31
CA LEU A 336 -4.37 21.83 -14.96
C LEU A 336 -4.11 23.34 -14.86
N ALA A 337 -3.53 23.94 -15.90
CA ALA A 337 -3.28 25.39 -15.89
C ALA A 337 -4.58 26.19 -15.83
N ARG A 338 -5.61 25.68 -16.51
CA ARG A 338 -6.93 26.34 -16.47
C ARG A 338 -7.60 26.19 -15.10
N VAL A 339 -7.55 24.98 -14.53
CA VAL A 339 -8.14 24.77 -13.22
C VAL A 339 -7.38 25.59 -12.16
N ARG A 340 -6.06 25.69 -12.34
CA ARG A 340 -5.19 26.46 -11.45
C ARG A 340 -5.55 27.95 -11.48
N GLU A 341 -5.83 28.48 -12.68
CA GLU A 341 -6.27 29.86 -12.87
C GLU A 341 -7.71 30.08 -12.39
N ARG A 342 -8.61 29.15 -12.76
CA ARG A 342 -10.06 29.39 -12.69
C ARG A 342 -10.73 28.76 -11.45
N GLY A 343 -10.05 27.83 -10.81
CA GLY A 343 -10.63 27.09 -9.70
C GLY A 343 -11.31 25.81 -10.17
N ILE A 344 -11.42 24.85 -9.26
CA ILE A 344 -12.13 23.59 -9.54
C ILE A 344 -13.60 23.87 -9.85
N ASP A 345 -14.13 23.20 -10.88
CA ASP A 345 -15.55 23.35 -11.21
C ASP A 345 -16.39 22.62 -10.17
N GLU A 346 -17.32 23.33 -9.54
CA GLU A 346 -18.08 22.80 -8.43
C GLU A 346 -18.96 21.62 -8.82
N GLU A 347 -19.56 21.67 -10.02
CA GLU A 347 -20.46 20.59 -10.43
C GLU A 347 -19.72 19.28 -10.65
N ALA A 348 -18.51 19.35 -11.23
CA ALA A 348 -17.69 18.17 -11.47
C ALA A 348 -17.24 17.59 -10.12
N PHE A 349 -16.89 18.48 -9.21
CA PHE A 349 -16.55 18.09 -7.84
C PHE A 349 -17.70 17.37 -7.10
N GLU A 350 -18.92 17.86 -7.15
CA GLU A 350 -20.03 17.16 -6.48
C GLU A 350 -20.32 15.78 -7.15
N ARG A 351 -20.17 15.68 -8.46
CA ARG A 351 -20.39 14.39 -9.11
C ARG A 351 -19.32 13.41 -8.66
N ALA A 352 -18.10 13.91 -8.45
CA ALA A 352 -17.01 13.08 -8.05
C ALA A 352 -17.19 12.58 -6.62
N ARG A 353 -17.48 13.50 -5.70
CA ARG A 353 -17.78 13.14 -4.32
C ARG A 353 -18.86 12.04 -4.26
N LYS A 354 -19.92 12.19 -5.05
CA LYS A 354 -21.01 11.20 -5.07
C LYS A 354 -20.59 9.84 -5.67
N LYS A 355 -19.78 9.85 -6.73
CA LYS A 355 -19.21 8.60 -7.27
C LYS A 355 -18.36 7.91 -6.22
N ILE A 356 -17.47 8.65 -5.57
CA ILE A 356 -16.53 8.04 -4.62
C ILE A 356 -17.25 7.60 -3.31
N GLY A 358 -20.31 6.42 -3.26
CA GLY A 358 -20.91 5.16 -3.72
C GLY A 358 -19.90 4.02 -3.81
N ARG A 359 -18.74 4.31 -4.40
N ARG A 359 -18.73 4.30 -4.42
CA ARG A 359 -17.68 3.33 -4.57
CA ARG A 359 -17.67 3.31 -4.55
C ARG A 359 -17.23 2.79 -3.20
C ARG A 359 -17.27 2.78 -3.18
N VAL A 360 -17.05 3.68 -2.24
CA VAL A 360 -16.69 3.31 -0.87
C VAL A 360 -17.81 2.51 -0.17
N LEU A 361 -19.05 3.00 -0.20
CA LEU A 361 -20.19 2.24 0.34
C LEU A 361 -20.27 0.79 -0.24
N SER A 363 -17.81 -0.91 -1.62
CA SER A 363 -16.58 -1.59 -1.21
C SER A 363 -16.63 -2.11 0.23
N LEU A 364 -17.40 -1.46 1.10
CA LEU A 364 -17.60 -1.91 2.47
C LEU A 364 -18.44 -3.20 2.54
N ASP A 365 -19.10 -3.58 1.45
CA ASP A 365 -19.65 -4.94 1.30
C ASP A 365 -18.61 -6.07 1.23
N GLN A 366 -17.34 -5.74 0.94
CA GLN A 366 -16.35 -6.78 0.59
C GLN A 366 -15.44 -7.09 1.77
N ASN A 367 -15.35 -8.35 2.18
CA ASN A 367 -14.45 -8.73 3.28
C ASN A 367 -13.03 -8.23 3.00
N ALA A 368 -12.52 -8.48 1.79
CA ALA A 368 -11.13 -8.10 1.48
C ALA A 368 -10.89 -6.59 1.64
N PHE A 369 -11.78 -5.77 1.09
CA PHE A 369 -11.65 -4.32 1.28
C PHE A 369 -11.69 -3.89 2.77
N LEU A 370 -12.69 -4.35 3.49
CA LEU A 370 -12.81 -4.01 4.91
C LEU A 370 -11.51 -4.31 5.66
N VAL A 371 -10.94 -5.47 5.38
CA VAL A 371 -9.78 -5.94 6.13
C VAL A 371 -8.53 -5.15 5.72
N ARG A 372 -8.25 -5.13 4.42
N ARG A 372 -8.27 -5.11 4.43
CA ARG A 372 -7.07 -4.46 3.85
CA ARG A 372 -7.05 -4.49 3.92
C ARG A 372 -7.01 -3.02 4.30
C ARG A 372 -6.99 -3.00 4.28
N ASN A 373 -8.13 -2.32 4.19
CA ASN A 373 -8.18 -0.91 4.59
C ASN A 373 -8.10 -0.64 6.10
N TRP A 374 -8.70 -1.50 6.90
CA TRP A 374 -8.57 -1.37 8.36
C TRP A 374 -7.10 -1.48 8.72
N VAL A 375 -6.46 -2.50 8.15
CA VAL A 375 -5.03 -2.73 8.37
C VAL A 375 -4.17 -1.55 7.96
N THR A 376 -4.40 -1.09 6.74
CA THR A 376 -3.59 -0.06 6.14
C THR A 376 -3.68 1.27 6.86
N TYR A 377 -4.87 1.75 7.14
CA TYR A 377 -5.02 3.01 7.87
C TYR A 377 -4.54 2.91 9.32
N PHE A 378 -4.81 1.78 9.98
CA PHE A 378 -4.28 1.57 11.34
C PHE A 378 -2.76 1.69 11.39
N LEU A 379 -2.07 0.96 10.52
CA LEU A 379 -0.62 0.93 10.54
C LEU A 379 0.03 2.29 10.16
N ARG A 380 -0.68 3.07 9.34
CA ARG A 380 -0.25 4.42 8.96
C ARG A 380 -0.62 5.49 9.99
N GLY A 381 -1.16 5.07 11.15
CA GLY A 381 -1.23 5.91 12.32
C GLY A 381 -2.61 6.17 12.87
N ALA A 382 -3.67 5.68 12.21
CA ALA A 382 -5.02 5.86 12.72
C ALA A 382 -5.28 4.77 13.74
N GLU A 383 -4.71 4.97 14.93
CA GLU A 383 -4.63 3.97 15.99
C GLU A 383 -6.03 3.57 16.48
N ALA A 384 -7.01 4.46 16.30
CA ALA A 384 -8.41 4.18 16.61
C ALA A 384 -9.29 4.21 15.36
N PHE A 385 -8.77 3.68 14.26
CA PHE A 385 -9.43 3.81 12.96
C PHE A 385 -10.87 3.34 12.98
N ALA A 386 -11.74 4.01 12.22
CA ALA A 386 -13.10 3.57 12.00
C ALA A 386 -13.46 3.99 10.57
N PHE A 387 -14.15 3.13 9.84
CA PHE A 387 -14.63 3.50 8.50
C PHE A 387 -15.55 4.74 8.49
N ALA A 388 -16.26 4.96 9.59
CA ALA A 388 -17.06 6.17 9.73
C ALA A 388 -16.19 7.40 9.56
N ASP A 389 -14.90 7.25 9.84
CA ASP A 389 -13.96 8.36 9.71
C ASP A 389 -13.83 8.75 8.22
N VAL A 390 -13.77 7.75 7.34
CA VAL A 390 -13.64 7.96 5.90
C VAL A 390 -14.95 8.53 5.37
N ILE A 391 -16.06 7.90 5.71
CA ILE A 391 -17.35 8.39 5.28
C ILE A 391 -17.53 9.85 5.70
N ALA A 392 -17.18 10.18 6.94
CA ALA A 392 -17.36 11.54 7.42
C ALA A 392 -16.54 12.57 6.63
N VAL A 393 -15.32 12.21 6.20
CA VAL A 393 -14.53 13.11 5.35
C VAL A 393 -15.21 13.28 3.97
N LEU A 394 -15.79 12.22 3.44
CA LEU A 394 -16.52 12.28 2.17
C LEU A 394 -17.75 13.19 2.24
N GLN A 395 -18.41 13.23 3.39
CA GLN A 395 -19.60 14.07 3.62
C GLN A 395 -19.28 15.54 3.81
N THR A 396 -18.16 15.81 4.49
CA THR A 396 -17.85 17.15 4.98
C THR A 396 -16.82 17.89 4.10
N THR A 398 -15.09 20.03 1.38
CA THR A 398 -15.61 21.26 0.74
C THR A 398 -14.88 21.62 -0.58
N LEU A 399 -15.51 22.44 -1.42
CA LEU A 399 -14.86 22.97 -2.63
C LEU A 399 -13.62 23.81 -2.28
N GLU A 400 -13.68 24.60 -1.22
CA GLU A 400 -12.49 25.37 -0.76
C GLU A 400 -11.32 24.44 -0.45
N ARG A 401 -11.63 23.40 0.31
CA ARG A 401 -10.59 22.41 0.61
C ARG A 401 -10.07 21.71 -0.66
N ALA A 402 -10.95 21.42 -1.61
CA ALA A 402 -10.51 20.80 -2.90
C ALA A 402 -9.59 21.78 -3.65
N ASN A 403 -9.94 23.07 -3.66
CA ASN A 403 -9.05 24.07 -4.28
C ASN A 403 -7.70 24.18 -3.54
N ALA A 404 -7.71 24.22 -2.20
CA ALA A 404 -6.45 24.33 -1.45
C ALA A 404 -5.55 23.13 -1.71
N ARG A 405 -6.14 21.94 -1.75
CA ARG A 405 -5.33 20.70 -2.00
C ARG A 405 -4.69 20.76 -3.40
N PHE A 406 -5.47 21.14 -4.40
CA PHE A 406 -5.01 21.31 -5.77
C PHE A 406 -3.81 22.29 -5.83
N GLN A 407 -3.98 23.47 -5.21
CA GLN A 407 -2.96 24.53 -5.23
C GLN A 407 -1.65 24.14 -4.53
N GLU A 408 -1.77 23.38 -3.45
CA GLU A 408 -0.66 22.83 -2.66
C GLU A 408 0.19 21.81 -3.42
N HIS A 409 -0.49 20.96 -4.16
CA HIS A 409 0.10 19.76 -4.62
C HIS A 409 0.21 19.59 -6.15
N LEU A 410 -0.83 19.92 -6.90
CA LEU A 410 -0.76 19.71 -8.33
C LEU A 410 -0.19 20.97 -9.00
N ARG A 411 1.14 21.12 -8.92
CA ARG A 411 1.85 22.29 -9.38
C ARG A 411 2.77 21.96 -10.54
N GLU A 412 3.52 22.94 -11.05
CA GLU A 412 4.48 22.68 -12.11
C GLU A 412 5.87 22.33 -11.59
N ASP A 413 6.26 22.91 -10.47
CA ASP A 413 7.63 22.74 -9.99
C ASP A 413 7.85 21.42 -9.21
N ASN A 414 6.79 20.69 -8.90
CA ASN A 414 6.97 19.37 -8.27
C ASN A 414 6.57 18.22 -9.18
N VAL A 416 6.85 15.67 -12.64
CA VAL A 416 7.75 14.88 -13.47
C VAL A 416 6.91 14.38 -14.63
N VAL A 417 7.42 14.53 -15.83
CA VAL A 417 6.70 14.01 -17.01
C VAL A 417 7.63 12.97 -17.63
N SER A 418 7.16 11.72 -17.76
CA SER A 418 8.03 10.68 -18.29
C SER A 418 7.33 9.75 -19.28
N ALA A 419 8.08 9.28 -20.28
CA ALA A 419 7.52 8.51 -21.37
C ALA A 419 8.40 7.29 -21.67
N VAL A 420 7.74 6.24 -22.14
CA VAL A 420 8.43 5.06 -22.67
C VAL A 420 7.98 4.99 -24.09
N LEU A 421 8.93 4.89 -25.00
CA LEU A 421 8.69 5.04 -26.42
C LEU A 421 9.03 3.72 -27.14
N PRO A 422 8.26 3.36 -28.17
CA PRO A 422 8.56 2.07 -28.79
C PRO A 422 9.99 2.02 -29.36
N SER A 423 10.74 0.97 -29.04
CA SER A 423 12.02 0.68 -29.72
C SER A 423 11.78 0.41 -31.19
#